data_3ADW
#
_entry.id   3ADW
#
_cell.length_a   93.034
_cell.length_b   61.181
_cell.length_c   118.475
_cell.angle_alpha   90.00
_cell.angle_beta   102.84
_cell.angle_gamma   90.00
#
_symmetry.space_group_name_H-M   'C 1 2 1'
#
loop_
_entity.id
_entity.type
_entity.pdbx_description
1 polymer 'Peroxisome proliferator-activated receptor gamma'
2 non-polymer '(5-methoxy-1H-indol-3-yl)acetic acid'
3 non-polymer '(5E,8E,11Z,13E)-15-oxoicosa-5,8,11,13-tetraenoic acid'
4 water water
#
_entity_poly.entity_id   1
_entity_poly.type   'polypeptide(L)'
_entity_poly.pdbx_seq_one_letter_code
;GSHMAEISSDIDQLNPESADLRALAKHLYDSYIKSFPLTKAKARAILTGKTTDKSPFVIYDMNSLMMGEDKIKFKHITPL
QEQSKEVAIRIFQGCQFRSVEAVQEITEYAKSIPGFVNLDLNDQVTLLKYGVHEIIYTMLASLMNKDGVLISEGQGFMTR
EFLKSLRKPFGDFMEPKFEFAVKFNALELDDSDLAIFIAVIILSGDRPGLLNVKPIEDIQDNLLQALELQLKLNHPESSQ
LFAKLLQKMTDLRQIVTEHVQLLQVIKKTETDMSLHPLLQEIYKDLY
;
_entity_poly.pdbx_strand_id   A,B
#
loop_
_chem_comp.id
_chem_comp.type
_chem_comp.name
_chem_comp.formula
MYI non-polymer '(5-methoxy-1H-indol-3-yl)acetic acid' 'C11 H11 N O3'
OCR non-polymer '(5E,8E,11Z,13E)-15-oxoicosa-5,8,11,13-tetraenoic acid' 'C20 H30 O3'
#
# COMPACT_ATOMS: atom_id res chain seq x y z
N GLN A 13 8.67 29.15 -14.73
CA GLN A 13 9.72 29.52 -13.73
C GLN A 13 9.11 29.63 -12.33
N LEU A 14 9.12 30.83 -11.77
CA LEU A 14 8.56 31.08 -10.45
C LEU A 14 7.28 31.89 -10.56
N ASN A 15 6.24 31.48 -9.83
CA ASN A 15 4.97 32.18 -9.86
C ASN A 15 4.29 32.15 -8.48
N PRO A 16 3.24 32.97 -8.29
CA PRO A 16 2.52 33.02 -7.02
C PRO A 16 2.09 31.63 -6.53
N GLU A 17 1.73 30.78 -7.46
CA GLU A 17 1.29 29.43 -7.15
C GLU A 17 2.43 28.59 -6.58
N SER A 18 3.48 28.40 -7.38
CA SER A 18 4.61 27.61 -6.95
C SER A 18 5.32 28.30 -5.78
N ALA A 19 5.16 29.63 -5.69
CA ALA A 19 5.79 30.37 -4.60
C ALA A 19 5.18 29.92 -3.27
N ASP A 20 3.85 29.78 -3.25
CA ASP A 20 3.15 29.35 -2.05
C ASP A 20 3.56 27.93 -1.64
N LEU A 21 3.74 27.06 -2.63
CA LEU A 21 4.14 25.68 -2.37
C LEU A 21 5.56 25.62 -1.77
N ARG A 22 6.43 26.55 -2.17
CA ARG A 22 7.79 26.56 -1.65
C ARG A 22 7.79 27.06 -0.22
N ALA A 23 6.92 28.02 0.06
CA ALA A 23 6.81 28.57 1.41
C ALA A 23 6.34 27.47 2.35
N LEU A 24 5.38 26.66 1.89
CA LEU A 24 4.87 25.57 2.70
C LEU A 24 5.97 24.53 2.95
N ALA A 25 6.75 24.23 1.92
CA ALA A 25 7.84 23.26 2.05
C ALA A 25 8.85 23.76 3.09
N LYS A 26 9.14 25.06 3.05
CA LYS A 26 10.09 25.64 3.99
C LYS A 26 9.54 25.54 5.41
N HIS A 27 8.26 25.85 5.57
CA HIS A 27 7.61 25.79 6.86
C HIS A 27 7.68 24.38 7.44
N LEU A 28 7.33 23.39 6.63
CA LEU A 28 7.34 22.00 7.08
C LEU A 28 8.76 21.51 7.46
N TYR A 29 9.75 21.90 6.66
CA TYR A 29 11.15 21.50 6.95
C TYR A 29 11.61 22.14 8.26
N ASP A 30 11.31 23.42 8.41
CA ASP A 30 11.66 24.17 9.61
C ASP A 30 11.07 23.47 10.84
N SER A 31 9.78 23.16 10.75
CA SER A 31 9.07 22.50 11.81
C SER A 31 9.60 21.08 12.08
N TYR A 32 10.02 20.41 11.02
CA TYR A 32 10.57 19.05 11.10
C TYR A 32 11.87 19.08 11.93
N ILE A 33 12.74 20.03 11.61
CA ILE A 33 14.00 20.16 12.31
C ILE A 33 13.74 20.46 13.78
N LYS A 34 12.72 21.25 14.07
CA LYS A 34 12.41 21.57 15.47
C LYS A 34 11.80 20.40 16.24
N SER A 35 11.07 19.52 15.55
CA SER A 35 10.41 18.39 16.21
C SER A 35 11.19 17.08 16.33
N PHE A 36 12.13 16.85 15.43
CA PHE A 36 12.90 15.60 15.44
C PHE A 36 14.37 15.87 15.72
N PRO A 37 14.84 15.52 16.93
CA PRO A 37 16.24 15.72 17.37
C PRO A 37 17.28 15.07 16.47
N LEU A 38 16.97 13.90 15.93
CA LEU A 38 17.93 13.22 15.08
C LEU A 38 17.47 13.18 13.63
N THR A 39 18.00 14.09 12.83
CA THR A 39 17.64 14.19 11.42
C THR A 39 18.39 13.14 10.60
N LYS A 40 18.01 12.99 9.34
CA LYS A 40 18.69 12.04 8.46
C LYS A 40 20.12 12.55 8.17
N ALA A 41 20.26 13.86 8.00
CA ALA A 41 21.57 14.46 7.73
C ALA A 41 22.55 14.07 8.85
N LYS A 42 22.12 14.19 10.09
CA LYS A 42 22.97 13.84 11.24
C LYS A 42 23.18 12.32 11.29
N ALA A 43 22.13 11.56 10.96
CA ALA A 43 22.25 10.12 10.97
C ALA A 43 23.29 9.66 9.95
N ARG A 44 23.21 10.16 8.73
CA ARG A 44 24.17 9.77 7.71
C ARG A 44 25.59 10.19 8.08
N ALA A 45 25.73 11.35 8.73
CA ALA A 45 27.06 11.81 9.12
C ALA A 45 27.71 10.82 10.09
N ILE A 46 26.93 10.34 11.06
CA ILE A 46 27.42 9.38 12.03
C ILE A 46 27.70 8.04 11.37
N LEU A 47 26.77 7.56 10.54
CA LEU A 47 26.91 6.28 9.85
C LEU A 47 28.09 6.21 8.87
N THR A 48 28.27 7.26 8.07
CA THR A 48 29.35 7.29 7.11
C THR A 48 30.69 7.40 7.81
N GLY A 49 30.68 7.13 9.11
CA GLY A 49 31.87 7.16 9.95
C GLY A 49 32.92 8.16 9.54
N LYS A 50 32.48 9.31 9.04
CA LYS A 50 33.37 10.36 8.59
C LYS A 50 34.22 10.95 9.70
N THR A 51 33.56 11.62 10.64
CA THR A 51 34.21 12.29 11.75
C THR A 51 34.73 11.39 12.88
N THR A 52 35.39 12.03 13.85
CA THR A 52 35.94 11.33 15.01
C THR A 52 35.22 11.70 16.30
N ASP A 53 34.30 12.65 16.21
CA ASP A 53 33.53 13.10 17.37
C ASP A 53 32.14 12.48 17.42
N LYS A 54 31.70 11.93 16.29
CA LYS A 54 30.38 11.35 16.19
C LYS A 54 30.35 9.83 16.16
N SER A 55 31.47 9.21 16.50
CA SER A 55 31.60 7.75 16.50
C SER A 55 30.68 7.03 17.50
N PRO A 56 29.82 6.11 16.99
CA PRO A 56 28.91 5.37 17.86
C PRO A 56 29.58 4.11 18.42
N PHE A 57 29.14 3.66 19.57
CA PHE A 57 29.67 2.43 20.15
C PHE A 57 28.85 1.36 19.45
N VAL A 58 29.50 0.29 18.98
CA VAL A 58 28.77 -0.76 18.29
C VAL A 58 28.45 -1.99 19.15
N ILE A 59 27.17 -2.33 19.20
CA ILE A 59 26.67 -3.48 19.95
C ILE A 59 26.36 -4.57 18.93
N TYR A 60 27.17 -5.61 18.94
CA TYR A 60 27.00 -6.71 17.99
C TYR A 60 26.81 -8.05 18.70
N ASP A 61 26.86 -8.04 20.03
CA ASP A 61 26.67 -9.25 20.83
C ASP A 61 26.39 -8.94 22.30
N MET A 62 26.27 -9.99 23.09
CA MET A 62 25.96 -9.86 24.51
C MET A 62 26.97 -9.00 25.28
N ASN A 63 28.24 -9.32 25.14
CA ASN A 63 29.29 -8.60 25.82
C ASN A 63 29.34 -7.14 25.40
N SER A 64 29.14 -6.89 24.11
CA SER A 64 29.13 -5.52 23.59
C SER A 64 27.97 -4.78 24.23
N LEU A 65 26.83 -5.44 24.27
CA LEU A 65 25.63 -4.87 24.86
C LEU A 65 25.95 -4.52 26.32
N MET A 66 26.52 -5.49 27.03
CA MET A 66 26.90 -5.31 28.43
C MET A 66 27.75 -4.05 28.62
N MET A 67 28.73 -3.86 27.74
CA MET A 67 29.60 -2.69 27.83
C MET A 67 28.98 -1.43 27.25
N GLY A 68 27.95 -1.61 26.41
CA GLY A 68 27.28 -0.47 25.82
C GLY A 68 26.60 0.35 26.89
N GLU A 69 26.03 -0.33 27.87
CA GLU A 69 25.35 0.33 28.97
C GLU A 69 26.30 1.30 29.67
N ASP A 70 27.59 1.01 29.57
CA ASP A 70 28.61 1.86 30.17
C ASP A 70 28.89 3.07 29.27
N LYS A 71 29.43 2.80 28.08
CA LYS A 71 29.77 3.84 27.11
C LYS A 71 28.54 4.66 26.73
N ILE A 72 27.75 4.16 25.78
CA ILE A 72 26.56 4.85 25.33
C ILE A 72 25.45 4.76 26.38
N LYS A 73 25.73 5.36 27.54
CA LYS A 73 24.78 5.36 28.65
C LYS A 73 23.34 5.53 28.16
N PHE A 74 22.46 4.66 28.65
CA PHE A 74 21.04 4.72 28.28
C PHE A 74 20.25 5.30 29.44
N LYS A 75 19.80 6.55 29.29
CA LYS A 75 19.01 7.19 30.33
C LYS A 75 17.67 6.46 30.40
N HIS A 76 17.74 5.19 30.80
CA HIS A 76 16.56 4.33 30.90
C HIS A 76 15.77 4.30 29.60
N ILE A 77 16.50 4.17 28.49
CA ILE A 77 15.88 4.09 27.18
C ILE A 77 15.05 2.81 27.25
N THR A 78 15.43 1.94 28.17
CA THR A 78 14.75 0.68 28.42
C THR A 78 14.07 0.82 29.78
N PRO A 79 12.73 0.71 29.83
CA PRO A 79 11.95 0.83 31.06
C PRO A 79 12.67 0.33 32.32
N LEU A 80 12.64 1.16 33.36
CA LEU A 80 13.29 0.84 34.63
C LEU A 80 12.90 -0.55 35.14
N GLN A 81 13.65 -1.56 34.71
CA GLN A 81 13.40 -2.93 35.11
C GLN A 81 14.70 -3.55 35.60
N GLU A 82 15.71 -2.70 35.81
CA GLU A 82 17.02 -3.15 36.27
C GLU A 82 17.45 -4.32 35.37
N GLN A 83 17.99 -5.38 35.95
CA GLN A 83 18.40 -6.53 35.15
C GLN A 83 17.15 -7.33 34.78
N SER A 84 16.46 -6.91 33.72
CA SER A 84 15.25 -7.58 33.28
C SER A 84 15.48 -9.06 32.97
N LYS A 85 16.70 -9.53 33.20
CA LYS A 85 17.07 -10.92 32.98
C LYS A 85 16.57 -11.43 31.63
N GLU A 86 17.07 -10.84 30.55
CA GLU A 86 16.69 -11.23 29.20
C GLU A 86 17.07 -10.14 28.22
N VAL A 87 18.02 -10.44 27.35
CA VAL A 87 18.45 -9.48 26.35
C VAL A 87 17.29 -9.12 25.43
N ALA A 88 16.63 -10.15 24.89
CA ALA A 88 15.51 -9.97 23.99
C ALA A 88 14.43 -9.07 24.56
N ILE A 89 14.10 -9.28 25.83
CA ILE A 89 13.08 -8.47 26.49
C ILE A 89 13.54 -7.02 26.69
N ARG A 90 14.76 -6.84 27.17
CA ARG A 90 15.28 -5.50 27.39
C ARG A 90 15.35 -4.72 26.09
N ILE A 91 15.87 -5.36 25.05
CA ILE A 91 15.97 -4.70 23.76
C ILE A 91 14.56 -4.30 23.33
N PHE A 92 13.63 -5.24 23.46
CA PHE A 92 12.24 -5.00 23.08
C PHE A 92 11.60 -3.84 23.84
N GLN A 93 11.72 -3.87 25.16
CA GLN A 93 11.15 -2.80 25.98
C GLN A 93 11.82 -1.51 25.59
N GLY A 94 13.06 -1.63 25.13
CA GLY A 94 13.83 -0.46 24.72
C GLY A 94 13.22 0.18 23.48
N CYS A 95 12.89 -0.64 22.49
CA CYS A 95 12.31 -0.11 21.27
C CYS A 95 10.90 0.44 21.55
N GLN A 96 10.24 -0.11 22.57
CA GLN A 96 8.91 0.36 22.93
C GLN A 96 8.98 1.80 23.42
N PHE A 97 9.89 2.07 24.34
CA PHE A 97 10.07 3.40 24.89
C PHE A 97 10.41 4.41 23.79
N ARG A 98 11.27 4.00 22.87
CA ARG A 98 11.69 4.86 21.77
C ARG A 98 10.49 5.19 20.89
N SER A 99 9.65 4.20 20.63
CA SER A 99 8.47 4.38 19.80
C SER A 99 7.53 5.40 20.41
N VAL A 100 7.32 5.29 21.72
CA VAL A 100 6.46 6.21 22.44
C VAL A 100 7.02 7.61 22.29
N GLU A 101 8.32 7.74 22.47
CA GLU A 101 8.99 9.02 22.34
C GLU A 101 8.81 9.52 20.90
N ALA A 102 8.92 8.62 19.92
CA ALA A 102 8.75 9.01 18.52
C ALA A 102 7.32 9.48 18.26
N VAL A 103 6.35 8.81 18.88
CA VAL A 103 4.96 9.20 18.71
C VAL A 103 4.81 10.64 19.20
N GLN A 104 5.43 10.94 20.34
CA GLN A 104 5.37 12.28 20.90
C GLN A 104 5.96 13.29 19.90
N GLU A 105 7.11 12.96 19.32
CA GLU A 105 7.74 13.86 18.35
C GLU A 105 6.84 14.09 17.13
N ILE A 106 6.33 12.99 16.55
CA ILE A 106 5.45 13.08 15.38
C ILE A 106 4.19 13.89 15.71
N THR A 107 3.67 13.69 16.92
CA THR A 107 2.48 14.42 17.34
C THR A 107 2.81 15.90 17.35
N GLU A 108 3.97 16.26 17.91
CA GLU A 108 4.37 17.66 17.91
C GLU A 108 4.49 18.15 16.46
N TYR A 109 5.06 17.34 15.58
CA TYR A 109 5.21 17.75 14.19
C TYR A 109 3.86 17.98 13.52
N ALA A 110 2.94 17.04 13.71
CA ALA A 110 1.61 17.11 13.11
C ALA A 110 0.89 18.43 13.38
N LYS A 111 0.96 18.91 14.61
CA LYS A 111 0.29 20.17 14.97
C LYS A 111 0.77 21.33 14.13
N SER A 112 1.99 21.24 13.59
CA SER A 112 2.55 22.31 12.78
C SER A 112 2.05 22.25 11.33
N ILE A 113 1.40 21.16 10.96
CA ILE A 113 0.90 21.05 9.60
C ILE A 113 -0.29 21.99 9.45
N PRO A 114 -0.18 22.99 8.55
CA PRO A 114 -1.29 23.92 8.38
C PRO A 114 -2.64 23.23 8.22
N GLY A 115 -3.58 23.63 9.07
CA GLY A 115 -4.92 23.08 9.04
C GLY A 115 -5.14 21.84 9.90
N PHE A 116 -4.08 21.15 10.28
CA PHE A 116 -4.28 19.94 11.06
C PHE A 116 -5.03 20.15 12.37
N VAL A 117 -4.60 21.11 13.18
CA VAL A 117 -5.26 21.34 14.46
C VAL A 117 -6.64 21.96 14.30
N ASN A 118 -7.00 22.39 13.09
CA ASN A 118 -8.32 22.98 12.86
C ASN A 118 -9.37 21.93 12.51
N LEU A 119 -8.94 20.71 12.27
CA LEU A 119 -9.85 19.62 11.93
C LEU A 119 -10.57 19.13 13.18
N ASP A 120 -11.65 18.38 12.97
CA ASP A 120 -12.42 17.80 14.07
C ASP A 120 -11.46 17.03 14.98
N LEU A 121 -11.62 17.23 16.28
CA LEU A 121 -10.77 16.59 17.28
C LEU A 121 -10.65 15.08 17.08
N ASN A 122 -11.77 14.43 16.78
CA ASN A 122 -11.78 12.98 16.59
C ASN A 122 -10.97 12.54 15.38
N ASP A 123 -11.04 13.33 14.31
CA ASP A 123 -10.28 12.98 13.12
C ASP A 123 -8.78 13.18 13.40
N GLN A 124 -8.45 14.20 14.19
CA GLN A 124 -7.06 14.46 14.55
C GLN A 124 -6.48 13.20 15.19
N VAL A 125 -7.23 12.63 16.13
CA VAL A 125 -6.79 11.41 16.82
C VAL A 125 -6.73 10.24 15.84
N THR A 126 -7.72 10.12 14.97
CA THR A 126 -7.73 9.04 13.99
C THR A 126 -6.52 9.11 13.07
N LEU A 127 -6.24 10.30 12.54
CA LEU A 127 -5.10 10.49 11.65
C LEU A 127 -3.78 10.12 12.32
N LEU A 128 -3.63 10.48 13.59
CA LEU A 128 -2.39 10.15 14.30
C LEU A 128 -2.34 8.65 14.57
N LYS A 129 -3.47 8.09 14.98
CA LYS A 129 -3.57 6.66 15.28
C LYS A 129 -3.09 5.78 14.13
N TYR A 130 -3.49 6.11 12.91
CA TYR A 130 -3.11 5.30 11.76
C TYR A 130 -1.84 5.74 11.05
N GLY A 131 -1.44 6.99 11.25
CA GLY A 131 -0.26 7.48 10.56
C GLY A 131 1.06 7.34 11.30
N VAL A 132 0.98 7.32 12.62
CA VAL A 132 2.17 7.25 13.46
C VAL A 132 3.19 6.16 13.16
N HIS A 133 2.76 4.90 13.08
CA HIS A 133 3.73 3.86 12.80
C HIS A 133 4.30 3.89 11.40
N GLU A 134 3.48 4.33 10.44
CA GLU A 134 3.95 4.45 9.06
C GLU A 134 5.10 5.47 9.00
N ILE A 135 4.95 6.55 9.77
CA ILE A 135 5.96 7.59 9.82
C ILE A 135 7.21 7.10 10.54
N ILE A 136 7.00 6.39 11.64
CA ILE A 136 8.11 5.84 12.41
C ILE A 136 9.01 4.95 11.55
N TYR A 137 8.38 4.08 10.74
CA TYR A 137 9.17 3.20 9.88
C TYR A 137 9.86 3.98 8.78
N THR A 138 9.20 5.02 8.28
CA THR A 138 9.80 5.85 7.24
C THR A 138 11.07 6.51 7.77
N MET A 139 10.95 7.13 8.93
CA MET A 139 12.06 7.84 9.55
C MET A 139 13.14 6.91 10.11
N LEU A 140 12.73 5.73 10.54
CA LEU A 140 13.67 4.75 11.07
C LEU A 140 14.65 4.36 9.96
N ALA A 141 14.19 4.40 8.72
CA ALA A 141 15.09 4.08 7.60
C ALA A 141 16.27 5.06 7.58
N SER A 142 16.03 6.30 8.01
CA SER A 142 17.10 7.32 8.03
C SER A 142 18.23 6.91 8.96
N LEU A 143 17.90 6.09 9.96
CA LEU A 143 18.87 5.66 10.94
C LEU A 143 19.46 4.30 10.65
N MET A 144 19.09 3.70 9.51
CA MET A 144 19.59 2.38 9.14
C MET A 144 20.44 2.30 7.85
N ASN A 145 21.26 1.26 7.79
CA ASN A 145 22.02 0.94 6.59
C ASN A 145 21.85 -0.57 6.60
N LYS A 146 22.27 -1.26 5.55
CA LYS A 146 22.08 -2.70 5.48
C LYS A 146 22.69 -3.49 6.64
N ASP A 147 23.60 -2.88 7.39
CA ASP A 147 24.24 -3.60 8.49
C ASP A 147 23.75 -3.30 9.91
N GLY A 148 22.95 -2.25 10.08
CA GLY A 148 22.48 -1.97 11.42
C GLY A 148 21.70 -0.69 11.57
N VAL A 149 21.36 -0.36 12.83
CA VAL A 149 20.57 0.83 13.13
C VAL A 149 21.14 1.64 14.29
N LEU A 150 21.12 2.95 14.14
CA LEU A 150 21.59 3.86 15.18
C LEU A 150 20.60 3.86 16.34
N ILE A 151 21.11 3.88 17.56
CA ILE A 151 20.25 3.90 18.73
C ILE A 151 20.73 4.94 19.74
N SER A 152 19.89 5.21 20.73
CA SER A 152 20.23 6.19 21.77
C SER A 152 20.71 7.49 21.11
N GLU A 153 19.85 8.05 20.28
CA GLU A 153 20.14 9.28 19.57
C GLU A 153 21.44 9.31 18.77
N GLY A 154 21.86 8.16 18.25
CA GLY A 154 23.08 8.12 17.47
C GLY A 154 24.36 7.75 18.22
N GLN A 155 24.29 7.66 19.54
CA GLN A 155 25.47 7.30 20.34
C GLN A 155 25.83 5.84 20.17
N GLY A 156 24.82 5.03 19.85
CA GLY A 156 25.07 3.61 19.67
C GLY A 156 24.64 3.14 18.28
N PHE A 157 25.07 1.94 17.92
CA PHE A 157 24.73 1.33 16.64
C PHE A 157 24.55 -0.15 16.92
N MET A 158 23.34 -0.66 16.72
CA MET A 158 23.08 -2.08 16.96
C MET A 158 23.02 -2.80 15.62
N THR A 159 23.87 -3.81 15.44
CA THR A 159 23.93 -4.55 14.19
C THR A 159 22.68 -5.35 13.85
N ARG A 160 22.44 -5.47 12.54
CA ARG A 160 21.30 -6.21 12.03
C ARG A 160 21.36 -7.68 12.43
N GLU A 161 22.56 -8.27 12.36
CA GLU A 161 22.72 -9.67 12.73
C GLU A 161 22.43 -9.94 14.20
N PHE A 162 22.88 -9.05 15.08
CA PHE A 162 22.63 -9.22 16.51
C PHE A 162 21.12 -9.26 16.78
N LEU A 163 20.41 -8.29 16.23
CA LEU A 163 18.96 -8.20 16.38
C LEU A 163 18.27 -9.38 15.74
N LYS A 164 18.88 -9.91 14.69
CA LYS A 164 18.34 -11.03 13.93
C LYS A 164 18.50 -12.36 14.65
N SER A 165 19.36 -12.40 15.66
CA SER A 165 19.59 -13.66 16.40
C SER A 165 19.05 -13.60 17.82
N LEU A 166 18.22 -12.62 18.12
CA LEU A 166 17.67 -12.49 19.47
C LEU A 166 16.99 -13.72 20.03
N ARG A 167 15.82 -14.07 19.50
CA ARG A 167 15.09 -15.24 19.99
C ARG A 167 13.78 -15.37 19.26
N LYS A 168 13.48 -16.61 18.85
CA LYS A 168 12.27 -16.97 18.12
C LYS A 168 11.27 -15.83 17.92
N PRO A 169 10.66 -15.32 18.99
CA PRO A 169 9.70 -14.23 18.83
C PRO A 169 10.34 -12.90 18.38
N PHE A 170 11.31 -12.43 19.15
CA PHE A 170 11.97 -11.16 18.88
C PHE A 170 12.96 -11.11 17.72
N GLY A 171 13.66 -12.20 17.48
CA GLY A 171 14.64 -12.22 16.40
C GLY A 171 14.12 -11.81 15.04
N ASP A 172 12.80 -11.78 14.88
CA ASP A 172 12.20 -11.44 13.60
C ASP A 172 11.58 -10.05 13.52
N PHE A 173 11.55 -9.34 14.64
CA PHE A 173 10.94 -8.01 14.65
C PHE A 173 11.51 -6.94 13.74
N MET A 174 12.83 -6.81 13.68
CA MET A 174 13.42 -5.75 12.86
C MET A 174 13.74 -6.05 11.40
N GLU A 175 14.05 -7.29 11.06
CA GLU A 175 14.38 -7.61 9.67
C GLU A 175 13.52 -6.93 8.60
N PRO A 176 12.18 -6.98 8.73
CA PRO A 176 11.29 -6.34 7.75
C PRO A 176 11.54 -4.84 7.63
N LYS A 177 11.93 -4.22 8.75
CA LYS A 177 12.23 -2.78 8.79
C LYS A 177 13.46 -2.53 7.96
N PHE A 178 14.49 -3.34 8.19
CA PHE A 178 15.74 -3.23 7.46
C PHE A 178 15.53 -3.41 5.96
N GLU A 179 14.75 -4.44 5.61
CA GLU A 179 14.48 -4.72 4.20
C GLU A 179 13.87 -3.49 3.56
N PHE A 180 12.88 -2.92 4.24
CA PHE A 180 12.23 -1.71 3.73
C PHE A 180 13.26 -0.59 3.59
N ALA A 181 13.95 -0.30 4.69
CA ALA A 181 14.94 0.77 4.73
C ALA A 181 15.97 0.77 3.61
N VAL A 182 16.57 -0.39 3.33
CA VAL A 182 17.57 -0.50 2.27
C VAL A 182 17.05 -0.03 0.92
N LYS A 183 15.80 -0.38 0.61
CA LYS A 183 15.19 0.03 -0.65
C LYS A 183 14.76 1.49 -0.60
N PHE A 184 14.09 1.87 0.49
CA PHE A 184 13.63 3.25 0.63
C PHE A 184 14.81 4.21 0.57
N ASN A 185 15.90 3.86 1.27
CA ASN A 185 17.08 4.72 1.27
C ASN A 185 17.70 4.86 -0.11
N ALA A 186 17.45 3.87 -0.98
CA ALA A 186 17.97 3.92 -2.35
C ALA A 186 17.36 5.11 -3.10
N LEU A 187 16.27 5.67 -2.57
CA LEU A 187 15.64 6.84 -3.18
C LEU A 187 16.45 8.10 -2.89
N GLU A 188 17.30 8.02 -1.87
CA GLU A 188 18.16 9.12 -1.47
C GLU A 188 17.40 10.42 -1.16
N LEU A 189 16.37 10.33 -0.35
CA LEU A 189 15.63 11.53 0.01
C LEU A 189 16.41 12.22 1.11
N ASP A 190 16.20 13.52 1.27
CA ASP A 190 16.89 14.21 2.35
C ASP A 190 15.77 14.72 3.25
N ASP A 191 16.14 15.29 4.41
CA ASP A 191 15.16 15.78 5.37
C ASP A 191 14.10 16.72 4.79
N SER A 192 14.49 17.65 3.93
CA SER A 192 13.52 18.58 3.36
C SER A 192 12.43 17.80 2.59
N ASP A 193 12.81 16.69 1.96
CA ASP A 193 11.84 15.87 1.22
C ASP A 193 10.92 15.12 2.20
N LEU A 194 11.53 14.47 3.19
CA LEU A 194 10.79 13.69 4.18
C LEU A 194 9.81 14.52 4.99
N ALA A 195 10.16 15.76 5.30
CA ALA A 195 9.25 16.58 6.08
C ALA A 195 7.90 16.65 5.35
N ILE A 196 7.92 16.84 4.05
CA ILE A 196 6.65 16.91 3.31
C ILE A 196 5.98 15.55 3.16
N PHE A 197 6.76 14.52 2.86
CA PHE A 197 6.25 13.17 2.70
C PHE A 197 5.53 12.70 3.98
N ILE A 198 6.14 12.98 5.13
CA ILE A 198 5.53 12.58 6.39
C ILE A 198 4.21 13.33 6.60
N ALA A 199 4.18 14.60 6.19
CA ALA A 199 2.96 15.38 6.34
C ALA A 199 1.86 14.76 5.46
N VAL A 200 2.23 14.29 4.26
CA VAL A 200 1.28 13.66 3.35
C VAL A 200 0.71 12.39 3.96
N ILE A 201 1.56 11.61 4.61
CA ILE A 201 1.12 10.37 5.25
C ILE A 201 0.04 10.63 6.29
N ILE A 202 0.29 11.62 7.16
CA ILE A 202 -0.63 11.97 8.22
C ILE A 202 -2.02 12.41 7.73
N LEU A 203 -2.05 13.27 6.72
CA LEU A 203 -3.32 13.76 6.20
C LEU A 203 -3.88 12.86 5.11
N SER A 204 -4.11 11.59 5.44
CA SER A 204 -4.64 10.67 4.44
C SER A 204 -6.11 10.88 4.06
N GLY A 205 -7.02 10.68 5.00
CA GLY A 205 -8.42 10.88 4.66
C GLY A 205 -9.08 9.56 4.30
N ASP A 206 -8.23 8.59 4.01
CA ASP A 206 -8.68 7.25 3.66
C ASP A 206 -8.54 6.37 4.92
N ARG A 207 -8.30 7.02 6.07
CA ARG A 207 -8.17 6.29 7.32
C ARG A 207 -9.53 5.81 7.83
N PRO A 208 -9.58 4.61 8.42
CA PRO A 208 -10.85 4.08 8.94
C PRO A 208 -11.48 4.99 9.99
N GLY A 209 -12.79 5.18 9.89
CA GLY A 209 -13.52 5.98 10.85
C GLY A 209 -13.46 7.49 10.78
N LEU A 210 -12.94 8.06 9.70
CA LEU A 210 -12.86 9.51 9.61
C LEU A 210 -14.25 10.13 9.46
N LEU A 211 -14.49 11.18 10.22
CA LEU A 211 -15.78 11.87 10.18
C LEU A 211 -15.91 12.80 8.98
N ASN A 212 -14.91 13.65 8.78
CA ASN A 212 -14.99 14.58 7.66
C ASN A 212 -13.79 14.44 6.75
N VAL A 213 -13.93 13.59 5.74
CA VAL A 213 -12.86 13.29 4.79
C VAL A 213 -12.47 14.48 3.91
N LYS A 214 -13.47 15.27 3.51
CA LYS A 214 -13.23 16.41 2.64
C LYS A 214 -12.09 17.35 3.04
N PRO A 215 -12.23 18.06 4.18
CA PRO A 215 -11.16 18.98 4.59
C PRO A 215 -9.77 18.33 4.62
N ILE A 216 -9.71 17.06 5.00
CA ILE A 216 -8.45 16.33 5.05
C ILE A 216 -7.85 16.18 3.66
N GLU A 217 -8.66 15.73 2.71
CA GLU A 217 -8.21 15.55 1.35
C GLU A 217 -7.75 16.87 0.73
N ASP A 218 -8.42 17.98 1.11
CA ASP A 218 -8.03 19.29 0.58
C ASP A 218 -6.64 19.65 1.09
N ILE A 219 -6.36 19.34 2.35
CA ILE A 219 -5.05 19.62 2.92
C ILE A 219 -4.03 18.72 2.26
N GLN A 220 -4.35 17.44 2.13
CA GLN A 220 -3.38 16.53 1.53
C GLN A 220 -3.05 16.91 0.08
N ASP A 221 -4.05 17.34 -0.66
CA ASP A 221 -3.82 17.74 -2.05
C ASP A 221 -2.78 18.82 -2.15
N ASN A 222 -2.87 19.79 -1.24
CA ASN A 222 -1.93 20.89 -1.23
C ASN A 222 -0.54 20.40 -0.83
N LEU A 223 -0.49 19.42 0.07
CA LEU A 223 0.77 18.86 0.51
C LEU A 223 1.39 18.05 -0.65
N LEU A 224 0.55 17.31 -1.38
CA LEU A 224 1.03 16.52 -2.51
C LEU A 224 1.60 17.46 -3.54
N GLN A 225 0.96 18.60 -3.70
CA GLN A 225 1.46 19.60 -4.66
C GLN A 225 2.83 20.07 -4.18
N ALA A 226 2.94 20.30 -2.88
CA ALA A 226 4.21 20.77 -2.31
C ALA A 226 5.28 19.70 -2.50
N LEU A 227 4.95 18.45 -2.21
CA LEU A 227 5.90 17.34 -2.36
C LEU A 227 6.37 17.22 -3.80
N GLU A 228 5.43 17.25 -4.75
CA GLU A 228 5.76 17.13 -6.17
C GLU A 228 6.78 18.15 -6.63
N LEU A 229 6.55 19.42 -6.30
CA LEU A 229 7.49 20.46 -6.70
C LEU A 229 8.85 20.24 -6.01
N GLN A 230 8.83 19.98 -4.71
CA GLN A 230 10.04 19.74 -3.94
C GLN A 230 10.92 18.67 -4.58
N LEU A 231 10.32 17.53 -4.90
CA LEU A 231 11.10 16.44 -5.49
C LEU A 231 11.70 16.83 -6.85
N LYS A 232 10.94 17.55 -7.66
CA LYS A 232 11.44 17.95 -8.97
C LYS A 232 12.52 19.02 -8.90
N LEU A 233 12.47 19.88 -7.89
CA LEU A 233 13.47 20.93 -7.74
C LEU A 233 14.70 20.36 -7.06
N ASN A 234 14.48 19.49 -6.07
CA ASN A 234 15.57 18.90 -5.32
C ASN A 234 16.23 17.71 -6.01
N HIS A 235 15.46 16.99 -6.82
CA HIS A 235 16.01 15.83 -7.54
C HIS A 235 15.68 15.92 -9.02
N PRO A 236 16.23 16.95 -9.70
CA PRO A 236 16.03 17.23 -11.13
C PRO A 236 16.06 16.01 -12.03
N GLU A 237 17.13 15.22 -11.92
CA GLU A 237 17.31 14.05 -12.76
C GLU A 237 16.80 12.71 -12.24
N SER A 238 15.96 12.72 -11.21
CA SER A 238 15.43 11.47 -10.69
C SER A 238 14.00 11.34 -11.19
N SER A 239 13.86 10.75 -12.37
CA SER A 239 12.57 10.60 -13.02
C SER A 239 11.53 9.82 -12.20
N GLN A 240 10.34 10.40 -12.12
CA GLN A 240 9.20 9.81 -11.41
C GLN A 240 9.45 9.49 -9.95
N LEU A 241 10.36 10.22 -9.31
CA LEU A 241 10.66 10.00 -7.90
C LEU A 241 9.35 10.12 -7.11
N PHE A 242 8.59 11.15 -7.43
CA PHE A 242 7.30 11.41 -6.81
C PHE A 242 6.43 10.15 -6.78
N ALA A 243 6.22 9.54 -7.95
CA ALA A 243 5.40 8.33 -8.03
C ALA A 243 6.05 7.15 -7.30
N LYS A 244 7.36 7.00 -7.43
CA LYS A 244 8.05 5.89 -6.78
C LYS A 244 7.92 6.06 -5.26
N LEU A 245 8.01 7.31 -4.79
CA LEU A 245 7.88 7.57 -3.36
C LEU A 245 6.48 7.22 -2.85
N LEU A 246 5.44 7.60 -3.60
CA LEU A 246 4.08 7.30 -3.20
C LEU A 246 3.81 5.81 -3.14
N GLN A 247 4.41 5.06 -4.07
CA GLN A 247 4.25 3.62 -4.11
C GLN A 247 4.85 2.99 -2.86
N LYS A 248 5.83 3.66 -2.27
CA LYS A 248 6.46 3.13 -1.07
C LYS A 248 5.45 3.09 0.08
N MET A 249 4.42 3.93 -0.01
CA MET A 249 3.40 3.96 1.03
C MET A 249 2.73 2.61 1.22
N THR A 250 2.76 1.75 0.20
CA THR A 250 2.13 0.45 0.34
C THR A 250 3.08 -0.46 1.12
N ASP A 251 4.37 -0.21 0.99
CA ASP A 251 5.37 -0.99 1.70
C ASP A 251 5.21 -0.73 3.20
N LEU A 252 4.96 0.52 3.56
CA LEU A 252 4.77 0.90 4.95
C LEU A 252 3.55 0.18 5.53
N ARG A 253 2.46 0.17 4.77
CA ARG A 253 1.24 -0.50 5.23
C ARG A 253 1.52 -1.96 5.58
N GLN A 254 2.26 -2.62 4.70
CA GLN A 254 2.62 -4.03 4.86
C GLN A 254 3.38 -4.23 6.16
N ILE A 255 4.40 -3.40 6.37
CA ILE A 255 5.23 -3.46 7.56
C ILE A 255 4.40 -3.37 8.84
N VAL A 256 3.49 -2.40 8.87
CA VAL A 256 2.64 -2.20 10.02
C VAL A 256 1.79 -3.43 10.32
N THR A 257 1.07 -3.91 9.31
CA THR A 257 0.22 -5.08 9.45
C THR A 257 1.03 -6.22 10.05
N GLU A 258 2.15 -6.53 9.41
CA GLU A 258 3.03 -7.59 9.86
C GLU A 258 3.53 -7.39 11.29
N HIS A 259 3.84 -6.15 11.65
CA HIS A 259 4.31 -5.84 13.00
C HIS A 259 3.20 -6.10 14.01
N VAL A 260 1.97 -5.76 13.65
CA VAL A 260 0.83 -5.97 14.54
C VAL A 260 0.64 -7.45 14.84
N GLN A 261 0.79 -8.28 13.82
CA GLN A 261 0.65 -9.71 14.00
C GLN A 261 1.73 -10.23 14.96
N LEU A 262 2.94 -9.70 14.82
CA LEU A 262 4.04 -10.11 15.70
C LEU A 262 3.72 -9.78 17.16
N LEU A 263 3.11 -8.62 17.36
CA LEU A 263 2.73 -8.18 18.71
C LEU A 263 1.70 -9.09 19.35
N GLN A 264 0.77 -9.59 18.54
CA GLN A 264 -0.26 -10.49 19.05
C GLN A 264 0.41 -11.75 19.60
N VAL A 265 1.39 -12.25 18.87
CA VAL A 265 2.12 -13.44 19.29
C VAL A 265 2.86 -13.17 20.61
N ILE A 266 3.56 -12.04 20.65
CA ILE A 266 4.30 -11.65 21.85
C ILE A 266 3.38 -11.52 23.06
N LYS A 267 2.20 -10.93 22.84
CA LYS A 267 1.21 -10.73 23.89
C LYS A 267 0.86 -12.07 24.56
N LYS A 268 0.73 -13.11 23.74
CA LYS A 268 0.37 -14.44 24.22
C LYS A 268 1.54 -15.29 24.73
N THR A 269 2.70 -15.13 24.10
CA THR A 269 3.88 -15.89 24.49
C THR A 269 4.57 -15.31 25.75
N GLU A 270 4.53 -14.00 25.89
CA GLU A 270 5.15 -13.34 27.03
C GLU A 270 4.11 -12.62 27.88
N THR A 271 3.37 -13.37 28.69
CA THR A 271 2.34 -12.77 29.53
C THR A 271 2.90 -11.96 30.70
N ASP A 272 4.23 -11.96 30.84
CA ASP A 272 4.88 -11.24 31.92
C ASP A 272 5.55 -9.95 31.43
N MET A 273 5.34 -9.60 30.16
CA MET A 273 5.94 -8.39 29.63
C MET A 273 4.89 -7.34 29.36
N SER A 274 5.08 -6.18 29.97
CA SER A 274 4.14 -5.08 29.81
C SER A 274 4.34 -4.37 28.48
N LEU A 275 3.25 -3.87 27.92
CA LEU A 275 3.29 -3.14 26.66
C LEU A 275 2.77 -1.76 26.99
N HIS A 276 3.46 -0.73 26.49
CA HIS A 276 3.08 0.64 26.76
C HIS A 276 1.64 0.97 26.36
N PRO A 277 0.89 1.62 27.27
CA PRO A 277 -0.51 2.03 27.09
C PRO A 277 -0.78 2.82 25.82
N LEU A 278 0.09 3.80 25.55
CA LEU A 278 -0.05 4.63 24.37
C LEU A 278 -0.05 3.74 23.12
N LEU A 279 0.95 2.88 23.02
CA LEU A 279 1.08 1.98 21.89
C LEU A 279 -0.12 1.02 21.84
N GLN A 280 -0.54 0.52 23.00
CA GLN A 280 -1.69 -0.38 23.05
C GLN A 280 -2.93 0.31 22.51
N GLU A 281 -3.12 1.57 22.88
CA GLU A 281 -4.28 2.31 22.42
C GLU A 281 -4.21 2.51 20.91
N ILE A 282 -3.00 2.74 20.39
CA ILE A 282 -2.84 2.93 18.96
C ILE A 282 -3.14 1.66 18.16
N TYR A 283 -2.75 0.50 18.67
CA TYR A 283 -2.99 -0.76 17.98
C TYR A 283 -4.42 -1.31 18.14
N LYS A 284 -5.14 -0.78 19.12
CA LYS A 284 -6.50 -1.22 19.41
C LYS A 284 -7.44 -1.00 18.23
N ASP A 285 -8.10 -2.08 17.80
CA ASP A 285 -9.05 -2.02 16.69
C ASP A 285 -8.46 -1.34 15.46
N LEU A 286 -7.15 -1.43 15.31
CA LEU A 286 -6.47 -0.81 14.17
C LEU A 286 -6.82 -1.55 12.88
N GLU B 17 8.90 14.77 -26.74
CA GLU B 17 8.59 13.57 -25.91
C GLU B 17 7.10 13.45 -25.63
N SER B 18 6.43 14.59 -25.46
CA SER B 18 5.00 14.60 -25.18
C SER B 18 4.24 13.81 -26.23
N ALA B 19 4.72 13.85 -27.48
CA ALA B 19 4.08 13.13 -28.57
C ALA B 19 4.20 11.62 -28.36
N ASP B 20 5.39 11.20 -27.93
CA ASP B 20 5.66 9.79 -27.68
C ASP B 20 4.80 9.26 -26.53
N LEU B 21 4.51 10.12 -25.56
CA LEU B 21 3.68 9.74 -24.41
C LEU B 21 2.23 9.55 -24.82
N ARG B 22 1.76 10.42 -25.72
CA ARG B 22 0.39 10.34 -26.22
C ARG B 22 0.24 9.15 -27.16
N ALA B 23 1.33 8.79 -27.83
CA ALA B 23 1.30 7.65 -28.75
C ALA B 23 1.12 6.39 -27.90
N LEU B 24 1.92 6.31 -26.84
CA LEU B 24 1.88 5.18 -25.93
C LEU B 24 0.50 5.02 -25.30
N ALA B 25 -0.08 6.14 -24.87
CA ALA B 25 -1.39 6.14 -24.24
C ALA B 25 -2.46 5.63 -25.21
N LYS B 26 -2.37 6.10 -26.45
CA LYS B 26 -3.32 5.72 -27.50
C LYS B 26 -3.17 4.23 -27.80
N HIS B 27 -1.94 3.78 -27.92
CA HIS B 27 -1.63 2.38 -28.20
C HIS B 27 -2.21 1.47 -27.12
N LEU B 28 -2.04 1.87 -25.86
CA LEU B 28 -2.54 1.07 -24.75
C LEU B 28 -4.07 1.02 -24.76
N TYR B 29 -4.70 2.16 -25.05
CA TYR B 29 -6.15 2.21 -25.10
C TYR B 29 -6.67 1.25 -26.17
N ASP B 30 -6.15 1.37 -27.38
CA ASP B 30 -6.57 0.51 -28.49
C ASP B 30 -6.43 -0.95 -28.13
N SER B 31 -5.30 -1.33 -27.55
CA SER B 31 -5.07 -2.71 -27.14
C SER B 31 -6.04 -3.12 -26.03
N TYR B 32 -6.27 -2.21 -25.10
CA TYR B 32 -7.18 -2.45 -23.98
C TYR B 32 -8.59 -2.72 -24.51
N ILE B 33 -9.00 -1.94 -25.51
CA ILE B 33 -10.31 -2.12 -26.12
C ILE B 33 -10.44 -3.49 -26.77
N LYS B 34 -9.37 -3.93 -27.43
CA LYS B 34 -9.39 -5.23 -28.11
C LYS B 34 -9.31 -6.44 -27.18
N SER B 35 -8.59 -6.29 -26.07
CA SER B 35 -8.40 -7.39 -25.14
C SER B 35 -9.53 -7.59 -24.13
N PHE B 36 -10.21 -6.52 -23.76
CA PHE B 36 -11.29 -6.63 -22.79
C PHE B 36 -12.65 -6.39 -23.42
N PRO B 37 -13.50 -7.42 -23.42
CA PRO B 37 -14.86 -7.36 -23.98
C PRO B 37 -15.69 -6.22 -23.41
N LEU B 38 -15.94 -6.28 -22.11
CA LEU B 38 -16.75 -5.29 -21.42
C LEU B 38 -15.95 -4.12 -20.86
N THR B 39 -16.04 -2.97 -21.53
CA THR B 39 -15.32 -1.76 -21.13
C THR B 39 -16.09 -1.04 -20.01
N LYS B 40 -15.43 -0.09 -19.35
CA LYS B 40 -16.08 0.65 -18.28
C LYS B 40 -17.18 1.54 -18.87
N ALA B 41 -16.93 2.10 -20.05
CA ALA B 41 -17.91 2.95 -20.71
C ALA B 41 -19.19 2.16 -20.92
N LYS B 42 -19.04 0.95 -21.46
CA LYS B 42 -20.19 0.09 -21.70
C LYS B 42 -20.86 -0.31 -20.39
N ALA B 43 -20.05 -0.72 -19.43
CA ALA B 43 -20.58 -1.14 -18.14
C ALA B 43 -21.37 -0.02 -17.45
N ARG B 44 -20.85 1.20 -17.53
CA ARG B 44 -21.52 2.35 -16.91
C ARG B 44 -22.87 2.63 -17.55
N ALA B 45 -22.94 2.50 -18.87
CA ALA B 45 -24.19 2.74 -19.58
C ALA B 45 -25.26 1.79 -19.03
N ILE B 46 -24.88 0.53 -18.88
CA ILE B 46 -25.79 -0.49 -18.34
C ILE B 46 -26.15 -0.21 -16.88
N LEU B 47 -25.14 0.04 -16.05
CA LEU B 47 -25.37 0.30 -14.63
C LEU B 47 -26.29 1.49 -14.33
N THR B 48 -26.10 2.59 -15.06
CA THR B 48 -26.93 3.77 -14.84
C THR B 48 -28.28 3.66 -15.52
N GLY B 49 -28.41 2.66 -16.38
CA GLY B 49 -29.67 2.45 -17.09
C GLY B 49 -29.80 3.36 -18.30
N LYS B 50 -28.69 3.99 -18.70
CA LYS B 50 -28.71 4.89 -19.85
C LYS B 50 -28.27 4.15 -21.10
N LYS B 54 -31.78 -3.13 -23.42
CA LYS B 54 -32.08 -4.46 -22.93
C LYS B 54 -31.56 -4.66 -21.50
N SER B 55 -32.41 -4.33 -20.53
CA SER B 55 -32.06 -4.46 -19.12
C SER B 55 -31.47 -5.84 -18.78
N PRO B 56 -30.41 -5.87 -17.95
CA PRO B 56 -29.75 -7.11 -17.53
C PRO B 56 -30.63 -7.90 -16.58
N PHE B 57 -30.46 -9.21 -16.55
CA PHE B 57 -31.26 -10.03 -15.64
C PHE B 57 -30.73 -9.76 -14.23
N VAL B 58 -31.62 -9.42 -13.31
CA VAL B 58 -31.20 -9.12 -11.94
C VAL B 58 -31.32 -10.29 -10.98
N ILE B 59 -30.20 -10.70 -10.40
CA ILE B 59 -30.19 -11.77 -9.43
C ILE B 59 -30.15 -11.06 -8.07
N TYR B 60 -31.30 -11.03 -7.39
CA TYR B 60 -31.40 -10.38 -6.09
C TYR B 60 -31.70 -11.36 -4.99
N ASP B 61 -32.04 -12.58 -5.38
CA ASP B 61 -32.33 -13.63 -4.41
C ASP B 61 -32.17 -15.03 -5.01
N MET B 62 -32.42 -16.05 -4.20
CA MET B 62 -32.28 -17.43 -4.61
C MET B 62 -33.09 -17.79 -5.87
N ASN B 63 -34.38 -17.47 -5.88
CA ASN B 63 -35.21 -17.78 -7.04
C ASN B 63 -34.71 -17.06 -8.30
N SER B 64 -34.22 -15.83 -8.11
CA SER B 64 -33.70 -15.02 -9.21
C SER B 64 -32.53 -15.78 -9.83
N LEU B 65 -31.62 -16.22 -8.98
CA LEU B 65 -30.44 -16.96 -9.41
C LEU B 65 -30.83 -18.16 -10.27
N MET B 66 -31.62 -19.06 -9.68
CA MET B 66 -32.05 -20.26 -10.37
C MET B 66 -32.64 -19.96 -11.73
N MET B 67 -33.40 -18.87 -11.83
CA MET B 67 -34.00 -18.50 -13.12
C MET B 67 -32.92 -17.93 -14.03
N GLY B 68 -31.95 -17.26 -13.43
CA GLY B 68 -30.87 -16.68 -14.20
C GLY B 68 -30.07 -17.77 -14.88
N GLU B 69 -29.81 -18.85 -14.15
CA GLU B 69 -29.06 -19.98 -14.69
C GLU B 69 -29.86 -20.66 -15.80
N ASP B 70 -31.15 -20.84 -15.55
CA ASP B 70 -32.03 -21.51 -16.49
C ASP B 70 -32.42 -20.68 -17.71
N LYS B 71 -33.09 -19.57 -17.48
CA LYS B 71 -33.54 -18.73 -18.59
C LYS B 71 -32.39 -18.22 -19.44
N ILE B 72 -31.20 -18.15 -18.84
CA ILE B 72 -30.01 -17.69 -19.55
C ILE B 72 -28.78 -18.41 -19.00
N LYS B 73 -28.58 -19.64 -19.45
CA LYS B 73 -27.45 -20.46 -19.02
C LYS B 73 -26.17 -19.66 -18.96
N PHE B 74 -25.83 -19.17 -17.76
CA PHE B 74 -24.62 -18.40 -17.57
C PHE B 74 -23.40 -19.25 -17.90
N LYS B 75 -22.71 -18.86 -18.97
CA LYS B 75 -21.52 -19.56 -19.47
C LYS B 75 -20.45 -19.70 -18.40
N HIS B 76 -20.79 -20.36 -17.30
CA HIS B 76 -19.86 -20.56 -16.20
C HIS B 76 -19.81 -22.01 -15.76
N ILE B 77 -19.76 -22.21 -14.44
CA ILE B 77 -19.70 -23.54 -13.85
C ILE B 77 -21.08 -24.20 -13.77
N THR B 78 -22.10 -23.38 -13.54
CA THR B 78 -23.47 -23.86 -13.42
C THR B 78 -23.80 -25.12 -14.23
N PRO B 79 -23.31 -25.20 -15.48
CA PRO B 79 -23.59 -26.39 -16.31
C PRO B 79 -23.06 -27.72 -15.77
N LEU B 80 -21.80 -27.72 -15.32
CA LEU B 80 -21.16 -28.94 -14.80
C LEU B 80 -21.92 -29.63 -13.68
N GLN B 81 -21.87 -30.96 -13.68
CA GLN B 81 -22.52 -31.76 -12.65
C GLN B 81 -21.48 -31.98 -11.55
N GLU B 82 -21.81 -32.81 -10.57
CA GLU B 82 -20.91 -33.10 -9.46
C GLU B 82 -20.15 -31.83 -9.07
N GLN B 83 -20.83 -30.93 -8.37
CA GLN B 83 -20.22 -29.67 -7.96
C GLN B 83 -20.42 -29.50 -6.46
N SER B 84 -21.60 -29.02 -6.09
CA SER B 84 -21.96 -28.82 -4.69
C SER B 84 -23.44 -28.50 -4.59
N LYS B 85 -24.03 -28.16 -5.74
CA LYS B 85 -25.44 -27.81 -5.83
C LYS B 85 -25.86 -26.97 -4.64
N GLU B 86 -24.89 -26.27 -4.06
CA GLU B 86 -25.12 -25.40 -2.92
C GLU B 86 -24.78 -24.00 -3.44
N VAL B 87 -25.80 -23.16 -3.57
CA VAL B 87 -25.64 -21.81 -4.10
C VAL B 87 -24.38 -21.03 -3.70
N ALA B 88 -24.15 -20.87 -2.39
CA ALA B 88 -22.99 -20.13 -1.93
C ALA B 88 -21.71 -20.67 -2.58
N ILE B 89 -21.56 -22.00 -2.53
CA ILE B 89 -20.40 -22.66 -3.11
C ILE B 89 -20.34 -22.52 -4.63
N ARG B 90 -21.49 -22.61 -5.29
CA ARG B 90 -21.49 -22.47 -6.74
C ARG B 90 -21.20 -21.04 -7.16
N ILE B 91 -21.67 -20.06 -6.38
CA ILE B 91 -21.40 -18.67 -6.70
C ILE B 91 -19.91 -18.39 -6.53
N PHE B 92 -19.36 -18.89 -5.44
CA PHE B 92 -17.94 -18.70 -5.15
C PHE B 92 -17.09 -19.27 -6.27
N GLN B 93 -17.49 -20.44 -6.77
CA GLN B 93 -16.75 -21.10 -7.84
C GLN B 93 -16.92 -20.42 -9.19
N GLY B 94 -18.07 -19.79 -9.41
CA GLY B 94 -18.30 -19.10 -10.68
C GLY B 94 -17.35 -17.92 -10.75
N CYS B 95 -17.06 -17.33 -9.59
CA CYS B 95 -16.16 -16.20 -9.50
C CYS B 95 -14.78 -16.67 -9.94
N GLN B 96 -14.43 -17.89 -9.56
CA GLN B 96 -13.15 -18.48 -9.94
C GLN B 96 -13.05 -18.67 -11.44
N PHE B 97 -14.07 -19.30 -12.03
CA PHE B 97 -14.11 -19.53 -13.48
C PHE B 97 -13.90 -18.24 -14.24
N ARG B 98 -14.61 -17.19 -13.85
CA ARG B 98 -14.48 -15.89 -14.51
C ARG B 98 -13.09 -15.27 -14.28
N SER B 99 -12.52 -15.47 -13.10
CA SER B 99 -11.20 -14.92 -12.81
C SER B 99 -10.16 -15.53 -13.75
N VAL B 100 -10.20 -16.84 -13.91
CA VAL B 100 -9.28 -17.54 -14.80
C VAL B 100 -9.45 -17.04 -16.23
N GLU B 101 -10.69 -16.76 -16.60
CA GLU B 101 -10.96 -16.25 -17.94
C GLU B 101 -10.30 -14.87 -18.06
N ALA B 102 -10.51 -14.03 -17.05
CA ALA B 102 -9.94 -12.68 -17.03
C ALA B 102 -8.42 -12.72 -17.12
N VAL B 103 -7.81 -13.70 -16.46
CA VAL B 103 -6.34 -13.81 -16.50
C VAL B 103 -5.80 -13.89 -17.93
N GLN B 104 -6.53 -14.56 -18.83
CA GLN B 104 -6.08 -14.68 -20.21
C GLN B 104 -6.22 -13.36 -20.94
N GLU B 105 -7.30 -12.63 -20.66
CA GLU B 105 -7.50 -11.34 -21.29
C GLU B 105 -6.36 -10.41 -20.83
N ILE B 106 -6.03 -10.47 -19.54
CA ILE B 106 -4.95 -9.63 -18.99
C ILE B 106 -3.61 -9.97 -19.63
N THR B 107 -3.36 -11.26 -19.82
CA THR B 107 -2.12 -11.74 -20.40
C THR B 107 -1.95 -11.26 -21.84
N GLU B 108 -3.02 -11.30 -22.61
CA GLU B 108 -2.97 -10.84 -23.98
C GLU B 108 -2.64 -9.35 -23.98
N TYR B 109 -3.35 -8.59 -23.14
CA TYR B 109 -3.11 -7.15 -23.04
C TYR B 109 -1.66 -6.83 -22.67
N ALA B 110 -1.09 -7.59 -21.72
CA ALA B 110 0.29 -7.35 -21.28
C ALA B 110 1.32 -7.44 -22.40
N LYS B 111 1.12 -8.39 -23.30
CA LYS B 111 2.02 -8.60 -24.40
C LYS B 111 2.01 -7.43 -25.36
N SER B 112 0.99 -6.59 -25.27
CA SER B 112 0.91 -5.43 -26.16
C SER B 112 1.65 -4.23 -25.54
N ILE B 113 2.07 -4.36 -24.28
CA ILE B 113 2.78 -3.26 -23.63
C ILE B 113 4.23 -3.21 -24.13
N PRO B 114 4.62 -2.10 -24.77
CA PRO B 114 5.97 -1.93 -25.31
C PRO B 114 7.07 -2.34 -24.34
N GLY B 115 7.89 -3.29 -24.77
CA GLY B 115 8.99 -3.78 -23.96
C GLY B 115 8.71 -5.02 -23.13
N PHE B 116 7.45 -5.24 -22.76
CA PHE B 116 7.09 -6.40 -21.94
C PHE B 116 7.55 -7.75 -22.50
N VAL B 117 7.25 -8.00 -23.76
CA VAL B 117 7.64 -9.27 -24.38
C VAL B 117 9.16 -9.46 -24.47
N ASN B 118 9.90 -8.35 -24.49
CA ASN B 118 11.36 -8.40 -24.57
C ASN B 118 12.04 -8.73 -23.24
N LEU B 119 11.24 -8.82 -22.18
CA LEU B 119 11.75 -9.10 -20.85
C LEU B 119 12.05 -10.59 -20.70
N ASP B 120 12.91 -10.91 -19.75
CA ASP B 120 13.23 -12.30 -19.44
C ASP B 120 11.88 -13.01 -19.30
N LEU B 121 11.72 -14.15 -19.96
CA LEU B 121 10.45 -14.87 -19.90
C LEU B 121 10.02 -15.22 -18.47
N ASN B 122 10.95 -15.61 -17.62
CA ASN B 122 10.57 -15.95 -16.25
C ASN B 122 9.99 -14.72 -15.55
N ASP B 123 10.57 -13.56 -15.82
CA ASP B 123 10.10 -12.32 -15.22
C ASP B 123 8.72 -11.96 -15.73
N GLN B 124 8.46 -12.23 -17.01
CA GLN B 124 7.14 -11.94 -17.59
C GLN B 124 6.09 -12.77 -16.83
N VAL B 125 6.43 -14.02 -16.54
CA VAL B 125 5.54 -14.91 -15.81
C VAL B 125 5.35 -14.43 -14.36
N THR B 126 6.44 -13.97 -13.75
CA THR B 126 6.39 -13.48 -12.37
C THR B 126 5.50 -12.24 -12.25
N LEU B 127 5.65 -11.32 -13.19
CA LEU B 127 4.86 -10.09 -13.20
C LEU B 127 3.38 -10.39 -13.37
N LEU B 128 3.04 -11.33 -14.26
CA LEU B 128 1.65 -11.69 -14.47
C LEU B 128 1.12 -12.42 -13.24
N LYS B 129 1.91 -13.34 -12.72
CA LYS B 129 1.53 -14.12 -11.55
C LYS B 129 1.10 -13.22 -10.39
N TYR B 130 1.91 -12.21 -10.08
CA TYR B 130 1.60 -11.31 -8.97
C TYR B 130 0.79 -10.09 -9.36
N GLY B 131 0.52 -9.91 -10.66
CA GLY B 131 -0.23 -8.73 -11.05
C GLY B 131 -1.70 -8.90 -11.37
N VAL B 132 -2.08 -10.08 -11.85
CA VAL B 132 -3.46 -10.33 -12.25
C VAL B 132 -4.53 -10.08 -11.22
N HIS B 133 -4.29 -10.40 -9.96
CA HIS B 133 -5.30 -10.18 -8.91
C HIS B 133 -5.56 -8.70 -8.69
N GLU B 134 -4.50 -7.91 -8.67
CA GLU B 134 -4.63 -6.46 -8.50
C GLU B 134 -5.44 -5.90 -9.67
N ILE B 135 -5.10 -6.33 -10.88
CA ILE B 135 -5.80 -5.90 -12.10
C ILE B 135 -7.25 -6.37 -12.13
N ILE B 136 -7.48 -7.61 -11.74
CA ILE B 136 -8.84 -8.15 -11.70
C ILE B 136 -9.75 -7.27 -10.84
N TYR B 137 -9.29 -6.92 -9.64
CA TYR B 137 -10.12 -6.11 -8.76
C TYR B 137 -10.26 -4.69 -9.26
N THR B 138 -9.21 -4.18 -9.89
CA THR B 138 -9.25 -2.85 -10.44
C THR B 138 -10.36 -2.79 -11.48
N MET B 139 -10.34 -3.76 -12.39
CA MET B 139 -11.32 -3.78 -13.45
C MET B 139 -12.69 -4.18 -12.97
N LEU B 140 -12.76 -5.00 -11.93
CA LEU B 140 -14.07 -5.40 -11.41
C LEU B 140 -14.81 -4.14 -10.93
N ALA B 141 -14.06 -3.15 -10.43
CA ALA B 141 -14.67 -1.90 -9.97
C ALA B 141 -15.44 -1.22 -11.10
N SER B 142 -14.96 -1.37 -12.34
CA SER B 142 -15.63 -0.78 -13.49
C SER B 142 -17.03 -1.37 -13.67
N LEU B 143 -17.21 -2.60 -13.20
CA LEU B 143 -18.50 -3.28 -13.35
C LEU B 143 -19.37 -3.23 -12.10
N MET B 144 -18.96 -2.45 -11.10
CA MET B 144 -19.70 -2.34 -9.85
C MET B 144 -20.18 -0.94 -9.52
N ASN B 145 -21.23 -0.88 -8.71
CA ASN B 145 -21.76 0.35 -8.19
C ASN B 145 -22.08 -0.07 -6.76
N LYS B 146 -22.40 0.88 -5.90
CA LYS B 146 -22.69 0.58 -4.50
C LYS B 146 -23.80 -0.46 -4.31
N ASP B 147 -24.56 -0.76 -5.37
CA ASP B 147 -25.68 -1.70 -5.26
C ASP B 147 -25.49 -3.10 -5.83
N GLY B 148 -24.51 -3.27 -6.70
CA GLY B 148 -24.30 -4.58 -7.29
C GLY B 148 -23.18 -4.63 -8.32
N VAL B 149 -23.03 -5.80 -8.94
CA VAL B 149 -21.99 -6.05 -9.92
C VAL B 149 -22.53 -6.73 -11.19
N LEU B 150 -22.00 -6.29 -12.33
CA LEU B 150 -22.38 -6.83 -13.63
C LEU B 150 -21.70 -8.19 -13.81
N ILE B 151 -22.44 -9.19 -14.27
CA ILE B 151 -21.86 -10.52 -14.50
C ILE B 151 -22.13 -11.05 -15.91
N SER B 152 -21.40 -12.09 -16.28
CA SER B 152 -21.50 -12.73 -17.60
C SER B 152 -21.64 -11.74 -18.75
N GLU B 153 -20.56 -11.01 -19.02
CA GLU B 153 -20.53 -10.05 -20.11
C GLU B 153 -21.59 -8.96 -19.96
N GLY B 154 -22.02 -8.73 -18.72
CA GLY B 154 -23.01 -7.69 -18.47
C GLY B 154 -24.45 -8.10 -18.70
N GLN B 155 -24.69 -9.37 -19.02
CA GLN B 155 -26.05 -9.85 -19.25
C GLN B 155 -26.83 -9.81 -17.95
N GLY B 156 -26.12 -10.00 -16.84
CA GLY B 156 -26.77 -10.00 -15.55
C GLY B 156 -26.22 -9.00 -14.56
N PHE B 157 -26.96 -8.80 -13.48
CA PHE B 157 -26.57 -7.89 -12.41
C PHE B 157 -26.81 -8.62 -11.11
N MET B 158 -25.75 -8.95 -10.40
CA MET B 158 -25.96 -9.63 -9.13
C MET B 158 -25.93 -8.62 -8.01
N THR B 159 -26.98 -8.63 -7.22
CA THR B 159 -27.16 -7.72 -6.10
C THR B 159 -26.10 -7.81 -5.01
N ARG B 160 -25.70 -6.65 -4.52
CA ARG B 160 -24.71 -6.59 -3.45
C ARG B 160 -25.29 -7.23 -2.20
N GLU B 161 -26.57 -6.96 -1.96
CA GLU B 161 -27.25 -7.52 -0.80
C GLU B 161 -27.33 -9.02 -0.88
N PHE B 162 -27.64 -9.53 -2.06
CA PHE B 162 -27.74 -10.97 -2.26
C PHE B 162 -26.40 -11.62 -1.92
N LEU B 163 -25.32 -11.08 -2.48
CA LEU B 163 -23.99 -11.61 -2.22
C LEU B 163 -23.68 -11.57 -0.73
N LYS B 164 -23.95 -10.43 -0.11
CA LYS B 164 -23.67 -10.27 1.31
C LYS B 164 -24.56 -11.17 2.18
N SER B 165 -25.60 -11.75 1.59
CA SER B 165 -26.49 -12.62 2.36
C SER B 165 -26.09 -14.10 2.31
N LEU B 166 -24.96 -14.38 1.66
CA LEU B 166 -24.50 -15.76 1.57
C LEU B 166 -23.99 -16.21 2.94
N ARG B 167 -24.20 -17.48 3.27
CA ARG B 167 -23.80 -18.03 4.56
C ARG B 167 -22.29 -18.22 4.74
N LYS B 168 -21.94 -18.79 5.89
CA LYS B 168 -20.55 -19.09 6.26
C LYS B 168 -19.57 -17.96 5.89
N PRO B 169 -18.40 -18.28 5.27
CA PRO B 169 -17.53 -17.15 4.96
C PRO B 169 -17.79 -16.53 3.58
N PHE B 170 -18.76 -17.07 2.85
CA PHE B 170 -19.07 -16.58 1.52
C PHE B 170 -19.80 -15.24 1.50
N GLY B 171 -20.51 -14.94 2.58
CA GLY B 171 -21.24 -13.68 2.64
C GLY B 171 -20.36 -12.45 2.65
N ASP B 172 -19.08 -12.62 2.96
CA ASP B 172 -18.19 -11.47 3.01
C ASP B 172 -17.01 -11.51 2.04
N PHE B 173 -17.06 -12.37 1.02
CA PHE B 173 -15.92 -12.41 0.11
C PHE B 173 -15.95 -11.30 -0.92
N MET B 174 -17.15 -10.87 -1.33
CA MET B 174 -17.26 -9.80 -2.31
C MET B 174 -17.35 -8.39 -1.70
N GLU B 175 -17.93 -8.29 -0.50
CA GLU B 175 -18.09 -6.99 0.15
C GLU B 175 -16.83 -6.13 0.12
N PRO B 176 -15.67 -6.71 0.44
CA PRO B 176 -14.42 -5.93 0.42
C PRO B 176 -14.16 -5.30 -0.96
N LYS B 177 -14.53 -6.00 -2.02
CA LYS B 177 -14.32 -5.49 -3.37
C LYS B 177 -15.25 -4.30 -3.62
N PHE B 178 -16.47 -4.37 -3.09
CA PHE B 178 -17.45 -3.30 -3.23
C PHE B 178 -16.97 -2.02 -2.55
N GLU B 179 -16.47 -2.16 -1.34
CA GLU B 179 -15.98 -1.02 -0.58
C GLU B 179 -14.85 -0.34 -1.35
N PHE B 180 -13.97 -1.15 -1.92
CA PHE B 180 -12.86 -0.62 -2.72
C PHE B 180 -13.42 0.07 -3.97
N ALA B 181 -14.30 -0.62 -4.67
CA ALA B 181 -14.91 -0.11 -5.89
C ALA B 181 -15.57 1.25 -5.68
N VAL B 182 -16.35 1.37 -4.61
CA VAL B 182 -17.03 2.63 -4.32
C VAL B 182 -16.02 3.77 -4.27
N LYS B 183 -14.95 3.60 -3.50
CA LYS B 183 -13.94 4.62 -3.38
C LYS B 183 -13.16 4.81 -4.69
N PHE B 184 -12.76 3.70 -5.31
CA PHE B 184 -11.99 3.77 -6.54
C PHE B 184 -12.79 4.52 -7.61
N ASN B 185 -14.05 4.13 -7.77
CA ASN B 185 -14.93 4.75 -8.75
C ASN B 185 -15.15 6.24 -8.54
N ALA B 186 -14.88 6.73 -7.33
CA ALA B 186 -15.03 8.16 -7.05
C ALA B 186 -14.02 8.97 -7.86
N LEU B 187 -12.93 8.33 -8.27
CA LEU B 187 -11.91 9.02 -9.06
C LEU B 187 -12.39 9.27 -10.49
N GLU B 188 -13.51 8.66 -10.84
CA GLU B 188 -14.11 8.82 -12.17
C GLU B 188 -13.16 8.64 -13.36
N LEU B 189 -12.38 7.56 -13.33
CA LEU B 189 -11.47 7.28 -14.41
C LEU B 189 -12.24 6.68 -15.58
N ASP B 190 -11.74 6.85 -16.79
CA ASP B 190 -12.39 6.24 -17.95
C ASP B 190 -11.44 5.18 -18.48
N ASP B 191 -11.88 4.44 -19.49
CA ASP B 191 -11.07 3.37 -20.07
C ASP B 191 -9.66 3.78 -20.49
N SER B 192 -9.55 4.94 -21.14
CA SER B 192 -8.23 5.41 -21.56
C SER B 192 -7.30 5.60 -20.35
N ASP B 193 -7.82 6.08 -19.23
CA ASP B 193 -6.99 6.24 -18.03
C ASP B 193 -6.60 4.85 -17.51
N LEU B 194 -7.60 3.98 -17.36
CA LEU B 194 -7.42 2.63 -16.84
C LEU B 194 -6.41 1.79 -17.62
N ALA B 195 -6.43 1.91 -18.94
CA ALA B 195 -5.50 1.17 -19.79
C ALA B 195 -4.04 1.44 -19.34
N ILE B 196 -3.71 2.68 -19.05
CA ILE B 196 -2.34 2.99 -18.63
C ILE B 196 -2.09 2.54 -17.18
N PHE B 197 -3.07 2.76 -16.31
CA PHE B 197 -2.94 2.36 -14.91
C PHE B 197 -2.68 0.85 -14.78
N ILE B 198 -3.43 0.06 -15.57
CA ILE B 198 -3.29 -1.38 -15.55
C ILE B 198 -1.88 -1.80 -15.95
N ALA B 199 -1.33 -1.13 -16.95
CA ALA B 199 0.01 -1.45 -17.42
C ALA B 199 1.03 -1.11 -16.34
N VAL B 200 0.80 -0.02 -15.62
CA VAL B 200 1.69 0.38 -14.53
C VAL B 200 1.72 -0.74 -13.49
N ILE B 201 0.55 -1.27 -13.15
CA ILE B 201 0.47 -2.37 -12.17
C ILE B 201 1.29 -3.59 -12.62
N ILE B 202 1.17 -3.95 -13.90
CA ILE B 202 1.88 -5.12 -14.41
C ILE B 202 3.39 -4.98 -14.29
N LEU B 203 3.91 -3.81 -14.65
CA LEU B 203 5.33 -3.54 -14.58
C LEU B 203 5.81 -3.11 -13.18
N SER B 204 5.48 -3.88 -12.15
CA SER B 204 5.94 -3.56 -10.79
C SER B 204 7.25 -4.31 -10.55
N GLY B 205 8.33 -3.55 -10.40
CA GLY B 205 9.64 -4.13 -10.18
C GLY B 205 9.87 -4.68 -8.77
N ASP B 206 8.87 -4.60 -7.92
CA ASP B 206 9.03 -5.12 -6.56
C ASP B 206 8.42 -6.49 -6.38
N ARG B 207 8.00 -7.13 -7.47
CA ARG B 207 7.44 -8.47 -7.36
C ARG B 207 8.57 -9.41 -6.93
N PRO B 208 8.27 -10.36 -6.02
CA PRO B 208 9.32 -11.28 -5.57
C PRO B 208 9.82 -12.21 -6.69
N GLY B 209 11.10 -12.55 -6.64
CA GLY B 209 11.67 -13.46 -7.61
C GLY B 209 12.10 -12.91 -8.97
N LEU B 210 11.94 -11.61 -9.19
CA LEU B 210 12.33 -11.03 -10.47
C LEU B 210 13.84 -11.17 -10.66
N LEU B 211 14.27 -11.41 -11.90
CA LEU B 211 15.69 -11.58 -12.18
C LEU B 211 16.37 -10.31 -12.69
N ASN B 212 15.62 -9.48 -13.43
CA ASN B 212 16.20 -8.26 -13.96
C ASN B 212 15.23 -7.09 -13.78
N VAL B 213 15.24 -6.54 -12.57
CA VAL B 213 14.38 -5.43 -12.20
C VAL B 213 14.55 -4.15 -13.02
N LYS B 214 15.76 -3.88 -13.46
CA LYS B 214 16.01 -2.64 -14.20
C LYS B 214 15.06 -2.36 -15.36
N PRO B 215 15.01 -3.25 -16.37
CA PRO B 215 14.14 -3.07 -17.54
C PRO B 215 12.69 -2.84 -17.14
N ILE B 216 12.26 -3.56 -16.12
CA ILE B 216 10.90 -3.46 -15.63
C ILE B 216 10.61 -2.06 -15.09
N GLU B 217 11.49 -1.54 -14.24
CA GLU B 217 11.28 -0.20 -13.71
C GLU B 217 11.41 0.84 -14.81
N ASP B 218 12.29 0.59 -15.77
CA ASP B 218 12.46 1.55 -16.88
C ASP B 218 11.17 1.67 -17.68
N ILE B 219 10.49 0.55 -17.89
CA ILE B 219 9.24 0.58 -18.64
C ILE B 219 8.15 1.23 -17.77
N GLN B 220 8.05 0.81 -16.50
CA GLN B 220 7.04 1.42 -15.64
C GLN B 220 7.26 2.93 -15.55
N ASP B 221 8.51 3.39 -15.51
CA ASP B 221 8.76 4.82 -15.44
C ASP B 221 8.16 5.52 -16.66
N ASN B 222 8.31 4.91 -17.83
CA ASN B 222 7.74 5.50 -19.05
C ASN B 222 6.20 5.42 -18.99
N LEU B 223 5.67 4.34 -18.43
CA LEU B 223 4.22 4.19 -18.30
C LEU B 223 3.66 5.24 -17.33
N LEU B 224 4.37 5.47 -16.23
CA LEU B 224 3.95 6.47 -15.24
C LEU B 224 3.92 7.86 -15.87
N GLN B 225 4.93 8.15 -16.68
CA GLN B 225 4.98 9.44 -17.35
C GLN B 225 3.76 9.60 -18.23
N ALA B 226 3.41 8.52 -18.94
CA ALA B 226 2.26 8.56 -19.83
C ALA B 226 0.98 8.70 -19.04
N LEU B 227 0.91 8.03 -17.89
CA LEU B 227 -0.28 8.08 -17.06
C LEU B 227 -0.48 9.49 -16.52
N GLU B 228 0.61 10.12 -16.12
CA GLU B 228 0.56 11.47 -15.57
C GLU B 228 0.01 12.46 -16.60
N LEU B 229 0.56 12.42 -17.81
CA LEU B 229 0.11 13.32 -18.86
C LEU B 229 -1.35 13.05 -19.20
N GLN B 230 -1.70 11.77 -19.29
CA GLN B 230 -3.07 11.35 -19.60
C GLN B 230 -4.08 11.97 -18.63
N LEU B 231 -3.80 11.84 -17.33
CA LEU B 231 -4.66 12.37 -16.28
C LEU B 231 -4.75 13.91 -16.26
N LYS B 232 -3.66 14.57 -16.63
CA LYS B 232 -3.66 16.03 -16.65
C LYS B 232 -4.44 16.57 -17.84
N LEU B 233 -4.33 15.91 -18.98
CA LEU B 233 -5.06 16.34 -20.17
C LEU B 233 -6.53 15.93 -20.07
N ASN B 234 -6.77 14.72 -19.57
CA ASN B 234 -8.12 14.17 -19.44
C ASN B 234 -8.94 14.67 -18.25
N HIS B 235 -8.28 15.14 -17.19
CA HIS B 235 -8.98 15.61 -16.01
C HIS B 235 -8.26 16.83 -15.44
N PRO B 236 -8.17 17.92 -16.21
CA PRO B 236 -7.51 19.16 -15.79
C PRO B 236 -7.98 19.66 -14.43
N GLU B 237 -9.25 19.44 -14.14
CA GLU B 237 -9.87 19.88 -12.90
C GLU B 237 -9.53 19.06 -11.67
N SER B 238 -9.18 17.79 -11.85
CA SER B 238 -8.85 16.92 -10.73
C SER B 238 -7.41 17.10 -10.29
N SER B 239 -7.18 17.97 -9.33
CA SER B 239 -5.82 18.20 -8.86
C SER B 239 -5.29 16.94 -8.18
N GLN B 240 -4.02 16.64 -8.46
CA GLN B 240 -3.34 15.47 -7.91
C GLN B 240 -4.03 14.13 -8.14
N LEU B 241 -4.80 14.00 -9.23
CA LEU B 241 -5.49 12.74 -9.52
C LEU B 241 -4.44 11.63 -9.67
N PHE B 242 -3.32 11.96 -10.27
CA PHE B 242 -2.21 11.02 -10.47
C PHE B 242 -1.80 10.45 -9.11
N ALA B 243 -1.52 11.36 -8.16
CA ALA B 243 -1.11 10.96 -6.82
C ALA B 243 -2.16 10.10 -6.13
N LYS B 244 -3.42 10.51 -6.26
CA LYS B 244 -4.53 9.78 -5.64
C LYS B 244 -4.69 8.37 -6.19
N LEU B 245 -4.52 8.23 -7.50
CA LEU B 245 -4.65 6.93 -8.13
C LEU B 245 -3.55 6.01 -7.65
N LEU B 246 -2.32 6.51 -7.60
CA LEU B 246 -1.19 5.70 -7.15
C LEU B 246 -1.41 5.22 -5.71
N GLN B 247 -2.01 6.08 -4.88
CA GLN B 247 -2.28 5.74 -3.49
C GLN B 247 -3.24 4.57 -3.38
N LYS B 248 -4.11 4.40 -4.38
CA LYS B 248 -5.07 3.31 -4.40
C LYS B 248 -4.40 1.95 -4.51
N MET B 249 -3.12 1.95 -4.85
CA MET B 249 -2.36 0.71 -4.99
C MET B 249 -2.37 0.00 -3.64
N THR B 250 -2.34 0.81 -2.58
CA THR B 250 -2.36 0.32 -1.22
C THR B 250 -3.64 -0.47 -0.98
N ASP B 251 -4.75 0.13 -1.40
CA ASP B 251 -6.06 -0.49 -1.24
C ASP B 251 -6.12 -1.80 -2.02
N LEU B 252 -5.59 -1.80 -3.23
CA LEU B 252 -5.61 -3.00 -4.06
C LEU B 252 -4.88 -4.16 -3.42
N ARG B 253 -3.62 -3.95 -3.06
CA ARG B 253 -2.82 -5.01 -2.47
C ARG B 253 -3.43 -5.52 -1.17
N GLN B 254 -4.10 -4.63 -0.44
CA GLN B 254 -4.72 -5.02 0.82
C GLN B 254 -5.87 -5.98 0.53
N ILE B 255 -6.71 -5.62 -0.44
CA ILE B 255 -7.84 -6.45 -0.82
C ILE B 255 -7.35 -7.80 -1.34
N VAL B 256 -6.20 -7.80 -2.03
CA VAL B 256 -5.65 -9.03 -2.56
C VAL B 256 -5.14 -9.98 -1.48
N THR B 257 -4.29 -9.50 -0.58
CA THR B 257 -3.78 -10.36 0.49
C THR B 257 -4.97 -10.85 1.30
N GLU B 258 -5.91 -9.95 1.56
CA GLU B 258 -7.11 -10.26 2.33
C GLU B 258 -7.89 -11.36 1.63
N HIS B 259 -7.87 -11.35 0.30
CA HIS B 259 -8.57 -12.33 -0.50
C HIS B 259 -7.93 -13.71 -0.33
N VAL B 260 -6.60 -13.74 -0.40
CA VAL B 260 -5.87 -14.98 -0.26
C VAL B 260 -6.15 -15.63 1.09
N GLN B 261 -6.31 -14.81 2.13
CA GLN B 261 -6.59 -15.32 3.47
C GLN B 261 -7.93 -16.03 3.52
N LEU B 262 -8.95 -15.44 2.90
CA LEU B 262 -10.27 -16.06 2.90
C LEU B 262 -10.17 -17.32 2.06
N LEU B 263 -9.43 -17.21 0.96
CA LEU B 263 -9.24 -18.33 0.06
C LEU B 263 -8.62 -19.48 0.86
N GLN B 264 -7.81 -19.11 1.86
CA GLN B 264 -7.18 -20.11 2.72
C GLN B 264 -8.19 -20.74 3.64
N VAL B 265 -8.93 -19.89 4.34
CA VAL B 265 -9.96 -20.38 5.26
C VAL B 265 -10.96 -21.28 4.55
N ILE B 266 -11.12 -21.06 3.24
CA ILE B 266 -12.05 -21.86 2.45
C ILE B 266 -11.68 -23.34 2.51
N LYS B 267 -10.39 -23.63 2.66
CA LYS B 267 -9.93 -25.01 2.77
C LYS B 267 -10.27 -25.53 4.17
N LYS B 268 -11.48 -25.19 4.61
CA LYS B 268 -11.99 -25.58 5.91
C LYS B 268 -13.47 -25.86 5.74
N THR B 269 -13.88 -25.98 4.48
CA THR B 269 -15.26 -26.27 4.11
C THR B 269 -15.22 -27.47 3.17
N GLU B 270 -14.22 -27.49 2.29
CA GLU B 270 -14.03 -28.55 1.31
C GLU B 270 -15.04 -28.37 0.18
N THR B 271 -14.93 -27.23 -0.51
CA THR B 271 -15.82 -26.91 -1.61
C THR B 271 -15.17 -27.23 -2.96
N HIS B 276 -13.78 -33.42 -11.98
CA HIS B 276 -13.48 -32.36 -11.02
C HIS B 276 -11.97 -32.20 -10.89
N PRO B 277 -11.23 -33.32 -10.78
CA PRO B 277 -9.77 -33.27 -10.66
C PRO B 277 -9.12 -32.39 -11.72
N LEU B 278 -9.50 -32.60 -12.98
CA LEU B 278 -8.95 -31.80 -14.07
C LEU B 278 -9.42 -30.36 -13.91
N LEU B 279 -10.63 -30.20 -13.39
CA LEU B 279 -11.19 -28.88 -13.19
C LEU B 279 -10.42 -28.13 -12.11
N GLN B 280 -10.19 -28.81 -10.99
CA GLN B 280 -9.46 -28.22 -9.87
C GLN B 280 -8.06 -27.85 -10.35
N GLU B 281 -7.56 -28.64 -11.29
CA GLU B 281 -6.23 -28.42 -11.85
C GLU B 281 -6.26 -27.12 -12.64
N ILE B 282 -7.27 -26.97 -13.49
CA ILE B 282 -7.42 -25.79 -14.33
C ILE B 282 -7.55 -24.52 -13.52
N TYR B 283 -8.37 -24.57 -12.46
CA TYR B 283 -8.63 -23.40 -11.63
C TYR B 283 -7.92 -23.36 -10.29
CAA MYI C . 10.98 -4.36 18.94
OAB MYI C . 8.75 -1.44 14.89
OAC MYI C . 10.66 -0.35 15.25
CAD MYI C . 7.84 -3.04 20.28
CAE MYI C . 6.72 -2.22 19.99
CAF MYI C . 6.49 0.32 17.49
CAG MYI C . 9.20 -1.86 18.42
CAH MYI C . 8.68 0.54 16.19
NAI MYI C . 5.94 -0.38 18.47
OAJ MYI C . 10.10 -3.76 19.93
CAK MYI C . 9.42 -0.50 15.37
CAL MYI C . 9.07 -2.91 19.55
CAM MYI C . 7.73 -0.05 17.26
CAN MYI C . 6.81 -1.25 18.94
CAO MYI C . 8.02 -1.08 18.17
C1 OCR D . 19.11 -1.91 25.98
C2 OCR D . 19.57 -1.01 24.84
C3 OCR D . 18.37 -0.37 24.14
C4 OCR D . 18.17 -0.97 22.73
C5 OCR D . 16.81 -0.95 22.38
C6 OCR D . 16.50 0.10 21.30
O7 OCR D . 16.37 1.30 21.59
C8 OCR D . 16.35 -0.36 19.84
C9 OCR D . 14.88 -0.36 19.32
C11 OCR D . 14.93 -0.80 17.87
C12 OCR D . 14.61 -0.04 16.84
C13 OCR D . 14.11 1.42 16.84
C14 OCR D . 12.61 1.51 17.01
C15 OCR D . 11.89 2.54 16.57
C16 OCR D . 12.50 3.72 15.86
C17 OCR D . 11.96 5.00 16.44
C18 OCR D . 12.54 6.19 16.23
C19 OCR D . 13.78 6.39 15.40
C20 OCR D . 14.05 7.89 15.18
C21 OCR D . 13.92 8.27 13.70
C22 OCR D . 14.16 9.79 13.49
O23 OCR D . 14.98 10.11 12.59
O24 OCR D . 13.50 10.58 14.20
C1 OCR E . -20.71 -14.87 -12.68
C2 OCR E . -19.41 -14.72 -11.89
C3 OCR E . -19.61 -15.15 -10.43
C4 OCR E . -19.89 -13.94 -9.52
C5 OCR E . -18.77 -13.68 -8.70
C6 OCR E . -18.25 -12.22 -8.84
O7 OCR E . -19.03 -11.27 -8.95
C8 OCR E . -16.72 -11.91 -8.85
C9 OCR E . -15.79 -13.08 -9.29
C11 OCR E . -14.36 -12.56 -9.24
C12 OCR E . -13.72 -11.89 -10.19
C13 OCR E . -14.21 -11.44 -11.58
C14 OCR E . -13.06 -11.41 -12.57
C15 OCR E . -12.72 -10.32 -13.26
C16 OCR E . -13.46 -9.00 -13.09
C17 OCR E . -13.79 -8.36 -14.44
C18 OCR E . -14.81 -8.76 -15.22
C19 OCR E . -15.76 -9.89 -14.88
C20 OCR E . -16.95 -9.46 -14.03
C21 OCR E . -18.24 -10.11 -14.52
C22 OCR E . -18.59 -11.37 -13.70
O23 OCR E . -18.86 -12.42 -14.35
O24 OCR E . -18.59 -11.26 -12.45
#